data_5A0X
#
_entry.id   5A0X
#
_cell.length_a   37.435
_cell.length_b   42.941
_cell.length_c   123.244
_cell.angle_alpha   90.00
_cell.angle_beta   96.09
_cell.angle_gamma   90.00
#
_symmetry.space_group_name_H-M   'P 1 21 1'
#
loop_
_entity.id
_entity.type
_entity.pdbx_description
1 polymer 'ZINC METALLOPROTEASE ZMP1'
2 polymer 'SUBSTRATE PEPTIDE'
3 non-polymer 'ZINC ION'
4 water water
#
loop_
_entity_poly.entity_id
_entity_poly.type
_entity_poly.pdbx_seq_one_letter_code
_entity_poly.pdbx_strand_id
1 'polypeptide(L)'
;GSHMDSTTIQQNKDTLSQIVVFPTGNYDKNEANAMVNRLANIDGKYLNALKQNNLKIKLLSGKLTDEKEYAYLKGVVPKG
WEGTGKTWDDVPGLGGSTVALRIGFSNKGKGHDAINLELHATAHAIDHIVLNDISKSAQFKQIFAKEGRSLGNVNFLGVY
PEEFFAESFAYYYLNQDTNSKLKSACPQTYSFLQNLAK
;
A,B
2 'polypeptide(L)' (ACE)EVNPPVP(NH2) C,D
#
loop_
_chem_comp.id
_chem_comp.type
_chem_comp.name
_chem_comp.formula
ACE non-polymer 'ACETYL GROUP' 'C2 H4 O'
NH2 non-polymer 'AMINO GROUP' 'H2 N'
ZN non-polymer 'ZINC ION' 'Zn 2'
#
# COMPACT_ATOMS: atom_id res chain seq x y z
N ASP A 5 22.86 -17.49 -8.44
CA ASP A 5 23.52 -17.62 -9.73
C ASP A 5 22.81 -18.68 -10.60
N SER A 6 23.33 -18.89 -11.80
CA SER A 6 22.66 -19.72 -12.81
C SER A 6 22.50 -21.17 -12.37
N THR A 7 23.57 -21.75 -11.84
CA THR A 7 23.55 -23.15 -11.40
C THR A 7 22.50 -23.37 -10.30
N THR A 8 22.44 -22.45 -9.35
CA THR A 8 21.53 -22.58 -8.22
C THR A 8 20.08 -22.45 -8.68
N ILE A 9 19.81 -21.53 -9.59
CA ILE A 9 18.47 -21.40 -10.15
C ILE A 9 18.06 -22.69 -10.84
N GLN A 10 18.98 -23.30 -11.58
CA GLN A 10 18.67 -24.54 -12.27
C GLN A 10 18.41 -25.68 -11.28
N GLN A 11 19.21 -25.74 -10.22
CA GLN A 11 19.00 -26.74 -9.17
C GLN A 11 17.60 -26.60 -8.60
N ASN A 12 17.20 -25.37 -8.34
CA ASN A 12 15.87 -25.10 -7.79
C ASN A 12 14.76 -25.48 -8.77
N LYS A 13 14.98 -25.25 -10.06
CA LYS A 13 14.01 -25.67 -11.06
C LYS A 13 13.91 -27.18 -11.08
N ASP A 14 15.05 -27.85 -10.89
CA ASP A 14 15.09 -29.30 -10.88
C ASP A 14 14.31 -29.83 -9.70
N THR A 15 14.50 -29.22 -8.55
CA THR A 15 13.76 -29.61 -7.37
C THR A 15 12.26 -29.42 -7.61
N LEU A 16 11.91 -28.30 -8.23
CA LEU A 16 10.51 -27.96 -8.46
C LEU A 16 9.89 -28.94 -9.45
N SER A 17 10.70 -29.50 -10.33
CA SER A 17 10.22 -30.49 -11.30
C SER A 17 9.62 -31.70 -10.59
N GLN A 18 10.03 -31.92 -9.35
CA GLN A 18 9.53 -33.04 -8.54
C GLN A 18 8.43 -32.59 -7.55
N ILE A 19 8.10 -31.30 -7.58
CA ILE A 19 7.09 -30.71 -6.71
C ILE A 19 5.86 -30.27 -7.50
N VAL A 20 6.10 -29.59 -8.61
CA VAL A 20 5.00 -28.99 -9.39
C VAL A 20 4.26 -30.05 -10.20
N VAL A 21 2.92 -30.03 -10.09
CA VAL A 21 2.06 -30.91 -10.85
C VAL A 21 1.21 -30.07 -11.81
N PHE A 22 1.23 -30.44 -13.08
CA PHE A 22 0.51 -29.67 -14.11
C PHE A 22 -0.88 -30.25 -14.33
N PRO A 23 -1.83 -29.42 -14.78
CA PRO A 23 -3.17 -29.97 -14.89
C PRO A 23 -3.32 -30.81 -16.16
N THR A 24 -4.31 -31.70 -16.16
CA THR A 24 -4.60 -32.48 -17.34
C THR A 24 -5.49 -31.63 -18.22
N GLY A 25 -5.38 -31.82 -19.53
CA GLY A 25 -6.15 -31.00 -20.45
C GLY A 25 -5.38 -29.76 -20.88
N ASN A 26 -6.10 -28.85 -21.52
CA ASN A 26 -5.47 -27.65 -22.05
C ASN A 26 -5.18 -26.61 -20.95
N TYR A 27 -4.03 -25.96 -21.06
CA TYR A 27 -3.66 -24.87 -20.16
C TYR A 27 -2.53 -24.08 -20.78
N ASP A 28 -2.26 -22.91 -20.20
CA ASP A 28 -1.21 -22.03 -20.66
C ASP A 28 0.15 -22.54 -20.19
N LYS A 29 0.82 -23.30 -21.05
CA LYS A 29 2.10 -23.88 -20.69
C LYS A 29 3.16 -22.80 -20.44
N ASN A 30 3.11 -21.72 -21.21
CA ASN A 30 4.11 -20.67 -21.04
C ASN A 30 3.98 -19.96 -19.69
N GLU A 31 2.75 -19.70 -19.27
CA GLU A 31 2.55 -19.01 -18.00
C GLU A 31 2.84 -19.97 -16.85
N ALA A 32 2.51 -21.25 -17.01
CA ALA A 32 2.84 -22.25 -15.99
C ALA A 32 4.35 -22.26 -15.77
N ASN A 33 5.09 -22.20 -16.86
CA ASN A 33 6.55 -22.15 -16.79
C ASN A 33 7.05 -20.90 -16.07
N ALA A 34 6.39 -19.78 -16.36
CA ALA A 34 6.74 -18.51 -15.74
C ALA A 34 6.54 -18.58 -14.23
N MET A 35 5.48 -19.28 -13.82
CA MET A 35 5.18 -19.43 -12.39
C MET A 35 6.25 -20.27 -11.72
N VAL A 36 6.68 -21.33 -12.39
CA VAL A 36 7.73 -22.18 -11.84
C VAL A 36 9.02 -21.38 -11.73
N ASN A 37 9.30 -20.55 -12.72
CA ASN A 37 10.50 -19.74 -12.71
C ASN A 37 10.51 -18.76 -11.55
N ARG A 38 9.36 -18.20 -11.20
CA ARG A 38 9.30 -17.29 -10.06
C ARG A 38 9.48 -18.08 -8.75
N LEU A 39 8.92 -19.28 -8.68
CA LEU A 39 9.08 -20.12 -7.50
C LEU A 39 10.53 -20.57 -7.32
N ALA A 40 11.29 -20.59 -8.42
CA ALA A 40 12.67 -21.07 -8.36
C ALA A 40 13.58 -20.08 -7.64
N ASN A 41 13.07 -18.88 -7.37
CA ASN A 41 13.82 -17.86 -6.64
C ASN A 41 13.82 -18.09 -5.14
N ILE A 42 12.93 -18.97 -4.69
CA ILE A 42 12.87 -19.35 -3.29
C ILE A 42 14.11 -20.11 -2.91
N ASP A 43 14.64 -19.84 -1.73
CA ASP A 43 15.84 -20.51 -1.28
C ASP A 43 15.72 -22.03 -1.40
N GLY A 44 16.76 -22.67 -1.95
CA GLY A 44 16.73 -24.09 -2.24
C GLY A 44 16.47 -24.96 -1.03
N LYS A 45 16.85 -24.51 0.14
CA LYS A 45 16.69 -25.32 1.35
C LYS A 45 15.20 -25.56 1.63
N TYR A 46 14.36 -24.56 1.36
CA TYR A 46 12.91 -24.73 1.54
C TYR A 46 12.33 -25.66 0.48
N LEU A 47 12.78 -25.49 -0.76
CA LEU A 47 12.27 -26.30 -1.85
C LEU A 47 12.65 -27.76 -1.63
N ASN A 48 13.88 -27.99 -1.17
CA ASN A 48 14.32 -29.35 -0.91
C ASN A 48 13.46 -29.97 0.19
N ALA A 49 13.14 -29.16 1.19
CA ALA A 49 12.31 -29.64 2.29
C ALA A 49 10.89 -29.94 1.82
N LEU A 50 10.36 -29.13 0.90
CA LEU A 50 9.04 -29.40 0.36
C LEU A 50 9.05 -30.72 -0.38
N LYS A 51 10.08 -30.93 -1.19
CA LYS A 51 10.21 -32.17 -1.95
C LYS A 51 10.28 -33.38 -1.02
N GLN A 52 11.07 -33.26 0.05
CA GLN A 52 11.25 -34.38 0.95
C GLN A 52 9.93 -34.73 1.64
N ASN A 53 9.08 -33.72 1.86
CA ASN A 53 7.78 -33.93 2.47
C ASN A 53 6.67 -34.29 1.49
N ASN A 54 7.05 -34.45 0.23
CA ASN A 54 6.11 -34.85 -0.82
C ASN A 54 4.98 -33.84 -0.98
N LEU A 55 5.27 -32.57 -0.66
CA LEU A 55 4.34 -31.49 -0.93
C LEU A 55 4.30 -31.23 -2.44
N LYS A 56 3.10 -31.23 -3.00
CA LYS A 56 2.90 -30.93 -4.40
C LYS A 56 2.35 -29.52 -4.56
N ILE A 57 2.88 -28.81 -5.55
CA ILE A 57 2.34 -27.52 -5.94
C ILE A 57 1.49 -27.77 -7.18
N LYS A 58 0.17 -27.84 -6.97
CA LYS A 58 -0.77 -28.17 -8.05
C LYS A 58 -1.18 -26.93 -8.83
N LEU A 59 -0.81 -26.88 -10.10
CA LEU A 59 -1.26 -25.81 -10.98
C LEU A 59 -2.60 -26.22 -11.61
N LEU A 60 -3.55 -25.28 -11.63
CA LEU A 60 -4.90 -25.57 -12.09
C LEU A 60 -5.31 -24.68 -13.25
N SER A 61 -6.18 -25.22 -14.10
CA SER A 61 -6.74 -24.49 -15.22
C SER A 61 -8.15 -24.00 -14.93
N GLY A 62 -8.70 -24.38 -13.78
CA GLY A 62 -10.04 -23.98 -13.40
C GLY A 62 -10.10 -23.66 -11.92
N LYS A 63 -11.30 -23.63 -11.36
CA LYS A 63 -11.50 -23.27 -9.97
C LYS A 63 -10.89 -24.29 -9.01
N LEU A 64 -10.38 -23.80 -7.89
CA LEU A 64 -9.83 -24.67 -6.85
C LEU A 64 -10.88 -25.68 -6.39
N THR A 65 -12.11 -25.22 -6.22
CA THR A 65 -13.17 -26.07 -5.64
C THR A 65 -13.71 -27.11 -6.63
N ASP A 66 -13.25 -27.07 -7.87
CA ASP A 66 -13.62 -28.11 -8.83
C ASP A 66 -12.67 -29.31 -8.69
N GLU A 67 -11.68 -29.16 -7.82
CA GLU A 67 -10.83 -30.29 -7.46
C GLU A 67 -11.46 -31.03 -6.31
N LYS A 68 -11.46 -32.36 -6.43
CA LYS A 68 -12.09 -33.24 -5.47
C LYS A 68 -11.69 -32.92 -4.02
N GLU A 69 -10.41 -32.60 -3.81
CA GLU A 69 -9.92 -32.42 -2.45
C GLU A 69 -10.31 -31.08 -1.84
N TYR A 70 -10.84 -30.17 -2.65
CA TYR A 70 -11.26 -28.86 -2.17
C TYR A 70 -12.76 -28.60 -2.35
N ALA A 71 -13.49 -29.60 -2.82
CA ALA A 71 -14.93 -29.47 -3.00
C ALA A 71 -15.64 -29.13 -1.68
N TYR A 72 -15.05 -29.53 -0.56
CA TYR A 72 -15.67 -29.24 0.73
C TYR A 72 -15.66 -27.74 1.04
N LEU A 73 -14.85 -26.97 0.32
CA LEU A 73 -14.73 -25.53 0.57
C LEU A 73 -15.73 -24.72 -0.28
N LYS A 74 -16.53 -25.38 -1.10
CA LYS A 74 -17.53 -24.67 -1.88
C LYS A 74 -18.44 -23.86 -1.00
N GLY A 75 -18.58 -22.59 -1.34
CA GLY A 75 -19.47 -21.70 -0.63
C GLY A 75 -18.89 -21.17 0.68
N VAL A 76 -17.68 -21.62 1.01
CA VAL A 76 -17.05 -21.20 2.27
C VAL A 76 -16.25 -19.92 2.05
N VAL A 77 -16.47 -18.95 2.96
CA VAL A 77 -15.73 -17.70 2.91
C VAL A 77 -14.39 -17.87 3.61
N PRO A 78 -13.29 -17.63 2.90
CA PRO A 78 -12.00 -17.83 3.56
C PRO A 78 -11.76 -16.89 4.74
N LYS A 79 -10.88 -17.30 5.64
CA LYS A 79 -10.39 -16.45 6.71
C LYS A 79 -9.90 -15.10 6.17
N GLY A 80 -10.41 -14.00 6.72
CA GLY A 80 -9.97 -12.68 6.33
C GLY A 80 -10.67 -12.11 5.09
N TRP A 81 -11.50 -12.94 4.47
CA TRP A 81 -12.22 -12.54 3.26
C TRP A 81 -13.67 -12.18 3.58
N GLU A 82 -13.98 -12.00 4.87
CA GLU A 82 -15.32 -11.64 5.30
C GLU A 82 -15.69 -10.30 4.70
N GLY A 83 -16.90 -10.22 4.16
CA GLY A 83 -17.41 -9.00 3.59
C GLY A 83 -17.05 -8.78 2.13
N THR A 84 -16.16 -9.60 1.59
CA THR A 84 -15.74 -9.44 0.19
C THR A 84 -16.81 -9.87 -0.80
N GLY A 85 -17.73 -10.71 -0.36
CA GLY A 85 -18.74 -11.28 -1.23
C GLY A 85 -18.18 -12.43 -2.06
N LYS A 86 -16.99 -12.89 -1.69
CA LYS A 86 -16.35 -14.00 -2.40
C LYS A 86 -16.20 -15.21 -1.49
N THR A 87 -16.23 -16.39 -2.11
CA THR A 87 -15.98 -17.64 -1.41
C THR A 87 -14.78 -18.32 -2.04
N TRP A 88 -14.37 -19.45 -1.48
CA TRP A 88 -13.25 -20.22 -1.98
C TRP A 88 -13.41 -20.53 -3.46
N ASP A 89 -14.65 -20.67 -3.91
CA ASP A 89 -14.96 -20.87 -5.34
C ASP A 89 -14.30 -19.81 -6.22
N ASP A 90 -14.13 -18.62 -5.66
CA ASP A 90 -13.65 -17.46 -6.40
C ASP A 90 -12.17 -17.17 -6.18
N VAL A 91 -11.54 -17.93 -5.28
CA VAL A 91 -10.17 -17.63 -4.86
C VAL A 91 -9.16 -18.40 -5.69
N PRO A 92 -8.14 -17.70 -6.23
CA PRO A 92 -7.27 -18.35 -7.21
C PRO A 92 -6.10 -19.15 -6.65
N GLY A 93 -5.89 -19.13 -5.33
CA GLY A 93 -4.78 -19.85 -4.73
C GLY A 93 -5.02 -20.28 -3.30
N LEU A 94 -4.29 -21.30 -2.89
CA LEU A 94 -4.43 -21.88 -1.57
C LEU A 94 -3.07 -22.40 -1.14
N GLY A 95 -2.71 -22.19 0.13
CA GLY A 95 -1.46 -22.71 0.67
C GLY A 95 -1.65 -23.15 2.11
N GLY A 96 -0.91 -24.19 2.51
CA GLY A 96 -0.95 -24.69 3.87
C GLY A 96 -0.42 -26.11 3.90
N SER A 97 -1.32 -27.07 4.11
CA SER A 97 -0.93 -28.48 4.06
C SER A 97 -0.75 -28.95 2.62
N THR A 98 -1.34 -28.17 1.72
CA THR A 98 -1.24 -28.38 0.28
C THR A 98 -1.00 -27.03 -0.38
N VAL A 99 -0.74 -27.04 -1.68
CA VAL A 99 -0.67 -25.83 -2.47
C VAL A 99 -1.43 -26.05 -3.77
N ALA A 100 -2.31 -25.12 -4.10
CA ALA A 100 -3.07 -25.17 -5.35
C ALA A 100 -3.19 -23.76 -5.92
N LEU A 101 -2.92 -23.62 -7.23
CA LEU A 101 -2.75 -22.32 -7.86
C LEU A 101 -3.34 -22.27 -9.26
N ARG A 102 -4.16 -21.25 -9.52
CA ARG A 102 -4.73 -21.04 -10.84
C ARG A 102 -3.73 -20.34 -11.75
N ILE A 103 -3.43 -20.97 -12.87
CA ILE A 103 -2.52 -20.40 -13.86
C ILE A 103 -3.07 -19.12 -14.45
N GLY A 104 -2.24 -18.08 -14.51
CA GLY A 104 -2.65 -16.79 -15.04
C GLY A 104 -3.05 -15.77 -13.99
N PHE A 105 -3.12 -16.19 -12.72
CA PHE A 105 -3.59 -15.30 -11.66
C PHE A 105 -2.48 -14.89 -10.71
N SER A 106 -1.24 -14.94 -11.19
CA SER A 106 -0.09 -14.60 -10.36
C SER A 106 -0.13 -13.18 -9.83
N ASN A 107 -0.42 -12.23 -10.71
CA ASN A 107 -0.23 -10.82 -10.37
C ASN A 107 -1.30 -10.21 -9.48
N LYS A 108 -0.85 -9.23 -8.71
CA LYS A 108 -1.73 -8.41 -7.89
C LYS A 108 -2.86 -7.89 -8.76
N GLY A 109 -4.09 -8.06 -8.27
CA GLY A 109 -5.28 -7.61 -8.97
C GLY A 109 -6.02 -8.71 -9.73
N LYS A 110 -5.44 -9.91 -9.77
CA LYS A 110 -6.08 -11.03 -10.45
C LYS A 110 -6.85 -11.86 -9.44
N GLY A 111 -7.89 -11.28 -8.86
CA GLY A 111 -8.73 -11.98 -7.89
C GLY A 111 -8.16 -12.00 -6.49
N HIS A 112 -7.11 -11.21 -6.29
CA HIS A 112 -6.41 -11.13 -5.02
C HIS A 112 -5.52 -9.89 -5.05
N ASP A 113 -4.97 -9.51 -3.90
CA ASP A 113 -4.12 -8.33 -3.78
C ASP A 113 -2.75 -8.68 -3.17
N ALA A 114 -2.36 -9.95 -3.27
CA ALA A 114 -1.02 -10.38 -2.92
C ALA A 114 -0.02 -9.96 -4.01
N ILE A 115 1.22 -9.71 -3.60
CA ILE A 115 2.23 -9.24 -4.53
C ILE A 115 2.51 -10.31 -5.60
N ASN A 116 2.35 -11.57 -5.21
CA ASN A 116 2.47 -12.71 -6.13
C ASN A 116 1.78 -13.95 -5.54
N LEU A 117 0.87 -14.53 -6.30
CA LEU A 117 0.01 -15.61 -5.81
C LEU A 117 0.77 -16.86 -5.36
N GLU A 118 1.64 -17.37 -6.22
CA GLU A 118 2.29 -18.67 -5.98
C GLU A 118 3.30 -18.56 -4.84
N LEU A 119 3.98 -17.42 -4.73
CA LEU A 119 4.95 -17.24 -3.63
C LEU A 119 4.22 -17.12 -2.30
N HIS A 120 3.09 -16.42 -2.30
CA HIS A 120 2.29 -16.28 -1.08
C HIS A 120 1.79 -17.65 -0.63
N ALA A 121 1.27 -18.44 -1.58
CA ALA A 121 0.72 -19.74 -1.26
C ALA A 121 1.82 -20.70 -0.79
N THR A 122 2.94 -20.69 -1.49
CA THR A 122 4.04 -21.61 -1.19
C THR A 122 4.67 -21.23 0.14
N ALA A 123 4.61 -19.95 0.49
CA ALA A 123 5.11 -19.50 1.78
C ALA A 123 4.32 -20.15 2.92
N HIS A 124 3.01 -20.28 2.72
CA HIS A 124 2.15 -20.91 3.72
C HIS A 124 2.55 -22.37 3.94
N ALA A 125 2.86 -23.07 2.86
CA ALA A 125 3.32 -24.45 2.94
C ALA A 125 4.66 -24.55 3.63
N ILE A 126 5.57 -23.63 3.32
CA ILE A 126 6.89 -23.64 3.95
C ILE A 126 6.73 -23.35 5.42
N ASP A 127 5.90 -22.38 5.75
CA ASP A 127 5.59 -22.06 7.15
C ASP A 127 5.05 -23.28 7.90
N HIS A 128 4.05 -23.94 7.33
CA HIS A 128 3.34 -25.00 8.04
C HIS A 128 4.11 -26.31 8.06
N ILE A 129 4.51 -26.77 6.88
CA ILE A 129 5.11 -28.10 6.73
C ILE A 129 6.59 -28.12 7.07
N VAL A 130 7.33 -27.12 6.59
CA VAL A 130 8.78 -27.13 6.71
C VAL A 130 9.23 -26.53 8.03
N LEU A 131 8.59 -25.45 8.44
CA LEU A 131 9.05 -24.67 9.58
C LEU A 131 8.17 -24.85 10.82
N ASN A 132 7.25 -25.80 10.74
CA ASN A 132 6.44 -26.19 11.90
C ASN A 132 5.69 -24.99 12.50
N ASP A 133 5.01 -24.24 11.63
CA ASP A 133 4.18 -23.09 12.01
C ASP A 133 4.95 -22.01 12.75
N ILE A 134 6.09 -21.61 12.18
CA ILE A 134 6.94 -20.61 12.81
C ILE A 134 6.26 -19.26 12.89
N SER A 135 5.29 -19.01 12.01
CA SER A 135 4.61 -17.72 12.00
C SER A 135 3.79 -17.53 13.27
N LYS A 136 3.50 -18.62 13.97
CA LYS A 136 2.73 -18.57 15.19
C LYS A 136 3.59 -18.74 16.44
N SER A 137 4.92 -18.71 16.25
CA SER A 137 5.86 -18.78 17.36
C SER A 137 5.92 -17.45 18.07
N ALA A 138 6.40 -17.46 19.31
CA ALA A 138 6.51 -16.23 20.09
C ALA A 138 7.45 -15.21 19.42
N GLN A 139 8.53 -15.70 18.82
CA GLN A 139 9.50 -14.80 18.19
C GLN A 139 8.85 -14.04 17.05
N PHE A 140 8.05 -14.73 16.25
CA PHE A 140 7.51 -14.05 15.09
C PHE A 140 6.33 -13.18 15.50
N LYS A 141 5.60 -13.59 16.52
CA LYS A 141 4.48 -12.81 16.98
C LYS A 141 4.94 -11.44 17.48
N GLN A 142 6.12 -11.41 18.08
CA GLN A 142 6.69 -10.15 18.57
C GLN A 142 7.04 -9.22 17.40
N ILE A 143 7.60 -9.80 16.34
CA ILE A 143 7.96 -9.04 15.13
C ILE A 143 6.70 -8.55 14.43
N PHE A 144 5.73 -9.45 14.32
CA PHE A 144 4.43 -9.17 13.73
C PHE A 144 3.72 -8.03 14.45
N ALA A 145 3.83 -8.03 15.77
CA ALA A 145 3.19 -7.00 16.58
C ALA A 145 3.73 -5.62 16.25
N LYS A 146 5.01 -5.55 15.88
CA LYS A 146 5.65 -4.29 15.60
C LYS A 146 5.49 -3.88 14.14
N GLU A 147 5.70 -4.83 13.22
CA GLU A 147 5.83 -4.50 11.80
C GLU A 147 4.68 -4.98 10.91
N GLY A 148 3.73 -5.70 11.49
CA GLY A 148 2.67 -6.35 10.73
C GLY A 148 1.71 -5.44 9.99
N ARG A 149 1.74 -4.15 10.29
CA ARG A 149 0.81 -3.20 9.68
C ARG A 149 1.54 -2.25 8.74
N SER A 150 2.78 -2.60 8.35
CA SER A 150 3.62 -1.70 7.56
C SER A 150 3.70 -2.08 6.08
N LEU A 151 2.98 -3.14 5.70
CA LEU A 151 2.99 -3.61 4.32
C LEU A 151 1.63 -3.45 3.66
N GLY A 152 0.76 -2.65 4.26
CA GLY A 152 -0.59 -2.46 3.75
C GLY A 152 -1.54 -3.60 4.08
N ASN A 153 -2.76 -3.50 3.57
CA ASN A 153 -3.82 -4.50 3.80
C ASN A 153 -3.88 -4.94 5.25
N VAL A 154 -3.99 -3.95 6.14
CA VAL A 154 -3.74 -4.20 7.56
C VAL A 154 -4.81 -5.02 8.23
N ASN A 155 -5.99 -5.10 7.62
CA ASN A 155 -7.05 -5.92 8.20
C ASN A 155 -6.87 -7.38 7.87
N PHE A 156 -5.85 -7.67 7.07
CA PHE A 156 -5.51 -9.04 6.73
C PHE A 156 -4.09 -9.32 7.23
N LEU A 157 -3.11 -8.65 6.63
CA LEU A 157 -1.72 -8.85 7.02
C LEU A 157 -1.43 -8.41 8.46
N GLY A 158 -2.14 -7.38 8.93
CA GLY A 158 -1.92 -6.88 10.29
C GLY A 158 -2.65 -7.68 11.35
N VAL A 159 -3.47 -8.64 10.93
CA VAL A 159 -4.34 -9.37 11.83
C VAL A 159 -3.91 -10.84 12.01
N TYR A 160 -3.44 -11.44 10.94
CA TYR A 160 -3.05 -12.85 10.93
C TYR A 160 -1.54 -12.98 10.73
N PRO A 161 -0.81 -13.44 11.77
CA PRO A 161 0.64 -13.48 11.62
C PRO A 161 1.08 -14.41 10.50
N GLU A 162 0.32 -15.46 10.24
CA GLU A 162 0.68 -16.37 9.16
C GLU A 162 0.56 -15.69 7.80
N GLU A 163 -0.33 -14.71 7.69
CA GLU A 163 -0.47 -14.00 6.43
C GLU A 163 0.62 -12.95 6.28
N PHE A 164 0.96 -12.28 7.37
CA PHE A 164 2.10 -11.36 7.31
C PHE A 164 3.38 -12.11 6.96
N PHE A 165 3.57 -13.29 7.54
CA PHE A 165 4.72 -14.10 7.19
C PHE A 165 4.70 -14.44 5.70
N ALA A 166 3.56 -14.92 5.21
CA ALA A 166 3.49 -15.38 3.82
C ALA A 166 3.75 -14.25 2.81
N GLU A 167 3.19 -13.07 3.05
CA GLU A 167 3.38 -11.96 2.12
C GLU A 167 4.79 -11.36 2.26
N SER A 168 5.34 -11.32 3.47
CA SER A 168 6.71 -10.84 3.64
C SER A 168 7.66 -11.77 2.91
N PHE A 169 7.40 -13.06 3.04
CA PHE A 169 8.14 -14.09 2.33
C PHE A 169 8.09 -13.83 0.83
N ALA A 170 6.90 -13.52 0.34
CA ALA A 170 6.72 -13.22 -1.08
C ALA A 170 7.52 -11.99 -1.50
N TYR A 171 7.47 -10.92 -0.70
CA TYR A 171 8.28 -9.74 -1.01
C TYR A 171 9.76 -10.10 -1.06
N TYR A 172 10.17 -10.95 -0.13
CA TYR A 172 11.59 -11.26 0.02
C TYR A 172 12.11 -11.96 -1.21
N TYR A 173 11.26 -12.81 -1.81
CA TYR A 173 11.72 -13.71 -2.86
C TYR A 173 11.23 -13.41 -4.28
N LEU A 174 10.34 -12.44 -4.46
CA LEU A 174 9.81 -12.20 -5.80
C LEU A 174 10.87 -11.58 -6.69
N ASN A 175 11.34 -10.42 -6.31
CA ASN A 175 12.41 -9.78 -7.05
C ASN A 175 13.15 -8.79 -6.16
N GLN A 176 14.19 -8.18 -6.73
CA GLN A 176 15.05 -7.28 -6.01
C GLN A 176 14.31 -6.07 -5.50
N ASP A 177 13.33 -5.62 -6.27
CA ASP A 177 12.61 -4.41 -5.90
C ASP A 177 11.76 -4.65 -4.67
N THR A 178 11.00 -5.75 -4.66
CA THR A 178 10.14 -6.06 -3.53
C THR A 178 10.99 -6.44 -2.32
N ASN A 179 12.10 -7.13 -2.57
CA ASN A 179 13.03 -7.45 -1.50
C ASN A 179 13.48 -6.18 -0.78
N SER A 180 13.85 -5.17 -1.56
CA SER A 180 14.27 -3.88 -0.99
C SER A 180 13.14 -3.15 -0.27
N LYS A 181 11.93 -3.24 -0.81
CA LYS A 181 10.79 -2.60 -0.18
C LYS A 181 10.51 -3.19 1.19
N LEU A 182 10.63 -4.51 1.31
CA LEU A 182 10.41 -5.19 2.58
C LEU A 182 11.45 -4.75 3.61
N LYS A 183 12.71 -4.65 3.19
CA LYS A 183 13.79 -4.26 4.09
C LYS A 183 13.50 -2.90 4.72
N SER A 184 13.05 -1.97 3.88
N SER A 184 13.05 -1.97 3.88
CA SER A 184 12.75 -0.61 4.33
CA SER A 184 12.74 -0.61 4.33
C SER A 184 11.53 -0.55 5.24
C SER A 184 11.54 -0.58 5.27
N ALA A 185 10.47 -1.27 4.87
CA ALA A 185 9.22 -1.22 5.59
C ALA A 185 9.26 -2.06 6.88
N CYS A 186 9.89 -3.23 6.79
CA CYS A 186 9.85 -4.21 7.87
C CYS A 186 11.22 -4.80 8.16
N PRO A 187 12.13 -3.99 8.72
CA PRO A 187 13.52 -4.43 8.91
C PRO A 187 13.68 -5.66 9.80
N GLN A 188 12.90 -5.80 10.86
CA GLN A 188 13.05 -6.95 11.74
C GLN A 188 12.54 -8.22 11.04
N THR A 189 11.48 -8.07 10.26
CA THR A 189 10.94 -9.20 9.48
C THR A 189 11.94 -9.62 8.40
N TYR A 190 12.55 -8.63 7.77
CA TYR A 190 13.56 -8.88 6.76
C TYR A 190 14.75 -9.64 7.37
N SER A 191 15.24 -9.17 8.51
CA SER A 191 16.34 -9.84 9.19
C SER A 191 15.96 -11.26 9.60
N PHE A 192 14.72 -11.42 10.03
CA PHE A 192 14.22 -12.72 10.46
C PHE A 192 14.26 -13.72 9.31
N LEU A 193 13.76 -13.31 8.14
CA LEU A 193 13.79 -14.17 6.97
C LEU A 193 15.20 -14.46 6.49
N GLN A 194 16.03 -13.44 6.54
CA GLN A 194 17.42 -13.57 6.16
C GLN A 194 18.08 -14.66 7.00
N ASN A 195 17.87 -14.60 8.31
CA ASN A 195 18.45 -15.58 9.22
C ASN A 195 17.82 -16.96 9.06
N LEU A 196 16.54 -16.98 8.71
CA LEU A 196 15.81 -18.23 8.56
C LEU A 196 16.44 -19.09 7.48
N ALA A 197 17.02 -18.44 6.47
CA ALA A 197 17.52 -19.12 5.29
C ALA A 197 18.96 -19.61 5.46
N LYS A 198 19.57 -19.31 6.61
CA LYS A 198 20.94 -19.72 6.85
C LYS A 198 21.01 -21.22 7.14
N THR B 8 -21.31 12.48 11.32
CA THR B 8 -20.15 13.35 11.17
C THR B 8 -19.69 13.39 9.72
N ILE B 9 -19.70 12.24 9.03
CA ILE B 9 -19.43 12.22 7.60
C ILE B 9 -20.47 13.09 6.89
N GLN B 10 -21.71 13.03 7.36
CA GLN B 10 -22.76 13.82 6.75
C GLN B 10 -22.46 15.30 6.94
N GLN B 11 -22.08 15.65 8.16
CA GLN B 11 -21.68 17.02 8.49
C GLN B 11 -20.50 17.48 7.66
N ASN B 12 -19.48 16.62 7.55
CA ASN B 12 -18.29 16.98 6.81
C ASN B 12 -18.58 17.17 5.33
N LYS B 13 -19.46 16.33 4.78
CA LYS B 13 -19.82 16.51 3.38
C LYS B 13 -20.63 17.80 3.21
N ASP B 14 -21.42 18.15 4.21
CA ASP B 14 -22.17 19.40 4.16
C ASP B 14 -21.19 20.58 4.17
N THR B 15 -20.20 20.51 5.05
CA THR B 15 -19.16 21.54 5.08
C THR B 15 -18.43 21.64 3.75
N LEU B 16 -18.07 20.51 3.17
CA LEU B 16 -17.30 20.53 1.94
C LEU B 16 -18.12 21.07 0.77
N SER B 17 -19.43 20.84 0.82
CA SER B 17 -20.33 21.37 -0.22
C SER B 17 -20.25 22.90 -0.25
N GLN B 18 -19.85 23.50 0.86
CA GLN B 18 -19.75 24.95 0.97
C GLN B 18 -18.34 25.49 0.72
N ILE B 19 -17.37 24.58 0.58
CA ILE B 19 -15.95 24.91 0.42
C ILE B 19 -15.45 24.56 -0.97
N VAL B 20 -15.90 23.42 -1.46
CA VAL B 20 -15.44 22.89 -2.73
C VAL B 20 -16.08 23.66 -3.88
N VAL B 21 -15.26 24.08 -4.83
CA VAL B 21 -15.71 24.77 -6.05
C VAL B 21 -15.41 23.88 -7.23
N PHE B 22 -16.42 23.63 -8.05
CA PHE B 22 -16.26 22.77 -9.21
C PHE B 22 -15.97 23.65 -10.42
N PRO B 23 -15.22 23.12 -11.39
CA PRO B 23 -14.79 23.88 -12.56
C PRO B 23 -15.85 23.99 -13.64
N THR B 24 -15.65 24.93 -14.55
CA THR B 24 -16.56 25.13 -15.65
C THR B 24 -16.32 24.08 -16.72
N GLY B 25 -15.06 23.74 -16.95
CA GLY B 25 -14.73 22.85 -18.04
C GLY B 25 -15.12 21.40 -17.80
N ASN B 26 -14.80 20.54 -18.75
CA ASN B 26 -15.19 19.14 -18.66
C ASN B 26 -14.30 18.34 -17.76
N TYR B 27 -14.92 17.44 -17.00
CA TYR B 27 -14.20 16.54 -16.10
C TYR B 27 -15.06 15.37 -15.67
N ASP B 28 -14.42 14.41 -15.03
CA ASP B 28 -15.06 13.21 -14.50
C ASP B 28 -15.81 13.52 -13.20
N LYS B 29 -17.13 13.69 -13.28
CA LYS B 29 -17.93 14.03 -12.10
C LYS B 29 -17.84 12.97 -11.01
N ASN B 30 -17.73 11.70 -11.37
CA ASN B 30 -17.65 10.65 -10.37
C ASN B 30 -16.36 10.75 -9.60
N GLU B 31 -15.28 11.08 -10.30
CA GLU B 31 -13.98 11.17 -9.65
C GLU B 31 -13.92 12.41 -8.77
N ALA B 32 -14.56 13.50 -9.19
CA ALA B 32 -14.66 14.67 -8.32
C ALA B 32 -15.38 14.31 -7.03
N ASN B 33 -16.43 13.52 -7.14
CA ASN B 33 -17.16 13.11 -5.95
C ASN B 33 -16.27 12.26 -5.06
N ALA B 34 -15.44 11.42 -5.66
CA ALA B 34 -14.52 10.58 -4.88
C ALA B 34 -13.52 11.42 -4.10
N MET B 35 -13.08 12.53 -4.69
CA MET B 35 -12.17 13.43 -4.02
C MET B 35 -12.86 14.04 -2.81
N VAL B 36 -14.13 14.41 -2.96
CA VAL B 36 -14.87 14.96 -1.84
C VAL B 36 -15.02 13.93 -0.72
N ASN B 37 -15.28 12.67 -1.08
CA ASN B 37 -15.41 11.62 -0.07
C ASN B 37 -14.12 11.41 0.71
N ARG B 38 -13.00 11.56 0.03
CA ARG B 38 -11.71 11.41 0.72
C ARG B 38 -11.45 12.62 1.62
N LEU B 39 -11.82 13.80 1.18
CA LEU B 39 -11.65 15.00 2.01
C LEU B 39 -12.56 14.94 3.24
N ALA B 40 -13.66 14.21 3.13
CA ALA B 40 -14.62 14.14 4.23
C ALA B 40 -14.09 13.32 5.41
N ASN B 41 -12.97 12.64 5.24
CA ASN B 41 -12.38 11.91 6.36
C ASN B 41 -11.63 12.85 7.30
N ILE B 42 -11.33 14.06 6.84
CA ILE B 42 -10.64 15.05 7.65
C ILE B 42 -11.55 15.51 8.76
N ASP B 43 -10.97 15.67 9.95
CA ASP B 43 -11.74 16.07 11.12
C ASP B 43 -12.52 17.34 10.83
N GLY B 44 -13.79 17.33 11.19
CA GLY B 44 -14.69 18.44 10.90
C GLY B 44 -14.26 19.76 11.49
N LYS B 45 -13.56 19.73 12.61
CA LYS B 45 -13.15 20.97 13.25
C LYS B 45 -12.24 21.74 12.31
N TYR B 46 -11.37 21.03 11.60
CA TYR B 46 -10.47 21.64 10.64
C TYR B 46 -11.23 22.16 9.42
N LEU B 47 -12.17 21.36 8.93
CA LEU B 47 -12.92 21.74 7.73
C LEU B 47 -13.78 22.98 7.99
N ASN B 48 -14.43 23.03 9.14
CA ASN B 48 -15.21 24.21 9.49
C ASN B 48 -14.31 25.43 9.71
N ALA B 49 -13.09 25.22 10.20
CA ALA B 49 -12.16 26.32 10.34
C ALA B 49 -11.73 26.88 8.97
N LEU B 50 -11.56 26.00 7.98
CA LEU B 50 -11.24 26.44 6.62
C LEU B 50 -12.39 27.26 6.08
N LYS B 51 -13.60 26.78 6.30
CA LYS B 51 -14.81 27.43 5.81
C LYS B 51 -14.94 28.82 6.40
N GLN B 52 -14.64 28.96 7.69
CA GLN B 52 -14.75 30.25 8.36
C GLN B 52 -13.82 31.27 7.73
N ASN B 53 -12.69 30.79 7.25
CA ASN B 53 -11.69 31.65 6.63
C ASN B 53 -11.91 31.83 5.12
N ASN B 54 -13.04 31.32 4.64
CA ASN B 54 -13.41 31.43 3.22
C ASN B 54 -12.41 30.78 2.28
N LEU B 55 -11.70 29.79 2.79
CA LEU B 55 -10.83 28.98 1.95
C LEU B 55 -11.70 28.14 1.02
N LYS B 56 -11.41 28.21 -0.28
CA LYS B 56 -12.09 27.36 -1.26
C LYS B 56 -11.15 26.25 -1.70
N ILE B 57 -11.71 25.05 -1.84
CA ILE B 57 -10.98 23.93 -2.41
C ILE B 57 -11.39 23.89 -3.87
N LYS B 58 -10.55 24.47 -4.72
CA LYS B 58 -10.85 24.60 -6.14
C LYS B 58 -10.43 23.34 -6.90
N LEU B 59 -11.41 22.63 -7.43
CA LEU B 59 -11.15 21.49 -8.29
C LEU B 59 -11.05 21.98 -9.72
N LEU B 60 -10.06 21.50 -10.45
CA LEU B 60 -9.78 22.02 -11.79
C LEU B 60 -9.95 20.95 -12.87
N SER B 61 -10.32 21.41 -14.05
CA SER B 61 -10.51 20.52 -15.19
C SER B 61 -9.28 20.48 -16.08
N GLY B 62 -8.30 21.34 -15.78
CA GLY B 62 -7.05 21.41 -16.51
C GLY B 62 -5.83 21.71 -15.64
N LYS B 63 -4.79 22.20 -16.27
CA LYS B 63 -3.54 22.54 -15.58
C LYS B 63 -3.78 23.65 -14.57
N LEU B 64 -3.05 23.63 -13.46
CA LEU B 64 -3.14 24.69 -12.45
C LEU B 64 -2.87 26.06 -13.05
N THR B 65 -1.87 26.13 -13.92
CA THR B 65 -1.40 27.40 -14.46
C THR B 65 -2.28 27.96 -15.54
N ASP B 66 -3.30 27.21 -15.94
CA ASP B 66 -4.28 27.71 -16.92
C ASP B 66 -5.38 28.50 -16.22
N GLU B 67 -5.32 28.52 -14.89
CA GLU B 67 -6.21 29.36 -14.09
C GLU B 67 -5.61 30.75 -13.98
N LYS B 68 -6.47 31.77 -14.12
CA LYS B 68 -6.03 33.16 -14.10
C LYS B 68 -5.12 33.46 -12.91
N GLU B 69 -5.50 32.98 -11.74
CA GLU B 69 -4.83 33.38 -10.52
C GLU B 69 -3.50 32.67 -10.30
N TYR B 70 -3.22 31.63 -11.10
CA TYR B 70 -1.95 30.90 -10.99
C TYR B 70 -1.10 31.04 -12.24
N ALA B 71 -1.54 31.89 -13.17
CA ALA B 71 -0.80 32.12 -14.40
C ALA B 71 0.62 32.60 -14.11
N TYR B 72 0.80 33.27 -12.97
CA TYR B 72 2.10 33.81 -12.63
C TYR B 72 3.11 32.70 -12.32
N LEU B 73 2.63 31.48 -12.12
CA LEU B 73 3.52 30.37 -11.80
C LEU B 73 4.01 29.62 -13.04
N LYS B 74 3.56 30.03 -14.22
CA LYS B 74 4.02 29.42 -15.45
C LYS B 74 5.55 29.54 -15.53
N GLY B 75 6.22 28.42 -15.76
CA GLY B 75 7.68 28.42 -15.91
C GLY B 75 8.46 28.43 -14.61
N VAL B 76 7.75 28.47 -13.49
CA VAL B 76 8.37 28.52 -12.17
C VAL B 76 8.62 27.13 -11.60
N VAL B 77 9.82 26.90 -11.07
CA VAL B 77 10.14 25.61 -10.48
C VAL B 77 9.70 25.56 -9.02
N PRO B 78 8.80 24.61 -8.67
CA PRO B 78 8.34 24.52 -7.28
C PRO B 78 9.45 24.17 -6.30
N LYS B 79 9.24 24.54 -5.05
CA LYS B 79 10.10 24.13 -3.93
C LYS B 79 10.22 22.62 -3.87
N GLY B 80 11.46 22.13 -3.85
CA GLY B 80 11.74 20.71 -3.74
C GLY B 80 11.68 19.95 -5.05
N TRP B 81 11.26 20.63 -6.12
CA TRP B 81 11.13 19.99 -7.42
C TRP B 81 12.29 20.32 -8.35
N GLU B 82 13.35 20.87 -7.79
CA GLU B 82 14.54 21.19 -8.56
C GLU B 82 15.11 19.87 -9.07
N GLY B 83 15.49 19.81 -10.35
CA GLY B 83 16.06 18.59 -10.90
C GLY B 83 15.04 17.60 -11.45
N THR B 84 13.76 17.83 -11.20
CA THR B 84 12.69 17.00 -11.74
C THR B 84 12.51 17.29 -13.23
N GLY B 85 12.96 18.47 -13.65
CA GLY B 85 12.74 18.93 -15.01
C GLY B 85 11.34 19.45 -15.21
N LYS B 86 10.59 19.62 -14.12
CA LYS B 86 9.20 20.08 -14.17
C LYS B 86 9.05 21.48 -13.58
N THR B 87 8.02 22.20 -14.04
CA THR B 87 7.64 23.47 -13.45
C THR B 87 6.20 23.35 -12.92
N TRP B 88 5.70 24.42 -12.31
CA TRP B 88 4.34 24.40 -11.80
C TRP B 88 3.32 24.02 -12.88
N ASP B 89 3.64 24.32 -14.14
CA ASP B 89 2.77 23.93 -15.26
C ASP B 89 2.42 22.45 -15.22
N ASP B 90 3.36 21.62 -14.75
CA ASP B 90 3.24 20.17 -14.79
C ASP B 90 2.70 19.56 -13.49
N VAL B 91 2.53 20.39 -12.47
CA VAL B 91 2.18 19.92 -11.12
C VAL B 91 0.67 19.97 -10.90
N PRO B 92 0.07 18.85 -10.42
CA PRO B 92 -1.40 18.76 -10.40
C PRO B 92 -2.11 19.34 -9.19
N GLY B 93 -1.35 19.81 -8.20
CA GLY B 93 -1.97 20.34 -7.00
C GLY B 93 -1.14 21.39 -6.28
N LEU B 94 -1.84 22.21 -5.50
CA LEU B 94 -1.23 23.31 -4.78
C LEU B 94 -2.01 23.52 -3.47
N GLY B 95 -1.27 23.77 -2.39
CA GLY B 95 -1.88 24.06 -1.11
C GLY B 95 -1.12 25.10 -0.31
N GLY B 96 -1.84 25.88 0.49
CA GLY B 96 -1.22 26.90 1.32
C GLY B 96 -2.26 27.95 1.68
N SER B 97 -2.10 29.14 1.11
N SER B 97 -2.09 29.15 1.12
CA SER B 97 -3.09 30.21 1.30
CA SER B 97 -3.08 30.21 1.32
C SER B 97 -4.32 29.93 0.47
C SER B 97 -4.31 29.98 0.44
N THR B 98 -4.16 29.07 -0.53
CA THR B 98 -5.26 28.64 -1.37
C THR B 98 -5.10 27.13 -1.59
N VAL B 99 -6.11 26.50 -2.19
CA VAL B 99 -6.02 25.08 -2.58
C VAL B 99 -6.57 24.92 -3.99
N ALA B 100 -5.80 24.25 -4.84
CA ALA B 100 -6.17 24.02 -6.24
C ALA B 100 -5.72 22.61 -6.63
N LEU B 101 -6.62 21.84 -7.24
CA LEU B 101 -6.41 20.41 -7.45
C LEU B 101 -6.96 19.95 -8.77
N ARG B 102 -6.13 19.27 -9.56
CA ARG B 102 -6.60 18.75 -10.84
C ARG B 102 -7.33 17.43 -10.65
N ILE B 103 -8.58 17.40 -11.08
CA ILE B 103 -9.43 16.21 -10.96
C ILE B 103 -8.84 15.07 -11.77
N GLY B 104 -8.76 13.90 -11.15
CA GLY B 104 -8.22 12.72 -11.80
C GLY B 104 -6.79 12.41 -11.40
N PHE B 105 -6.14 13.32 -10.66
CA PHE B 105 -4.74 13.15 -10.31
C PHE B 105 -4.51 12.88 -8.83
N SER B 106 -5.53 12.35 -8.17
CA SER B 106 -5.48 12.08 -6.72
C SER B 106 -4.40 11.08 -6.30
N ASN B 107 -4.30 9.99 -7.03
CA ASN B 107 -3.52 8.85 -6.57
C ASN B 107 -2.03 9.05 -6.74
N LYS B 108 -1.29 8.42 -5.84
CA LYS B 108 0.16 8.39 -5.91
C LYS B 108 0.57 7.93 -7.30
N GLY B 109 1.46 8.70 -7.93
CA GLY B 109 1.96 8.37 -9.25
C GLY B 109 1.32 9.16 -10.39
N LYS B 110 0.33 9.97 -10.08
CA LYS B 110 -0.33 10.79 -11.10
C LYS B 110 0.25 12.19 -11.14
N GLY B 111 1.52 12.29 -11.54
CA GLY B 111 2.21 13.57 -11.63
C GLY B 111 2.72 14.03 -10.26
N HIS B 112 2.66 13.13 -9.29
CA HIS B 112 3.12 13.41 -7.94
C HIS B 112 3.26 12.10 -7.18
N ASP B 113 3.90 12.14 -6.01
CA ASP B 113 4.08 10.93 -5.21
C ASP B 113 3.53 11.11 -3.78
N ALA B 114 2.61 12.03 -3.61
CA ALA B 114 1.91 12.16 -2.33
C ALA B 114 0.94 10.98 -2.19
N ILE B 115 0.69 10.57 -0.96
CA ILE B 115 -0.17 9.42 -0.70
C ILE B 115 -1.58 9.71 -1.24
N ASN B 116 -1.94 10.99 -1.19
CA ASN B 116 -3.18 11.45 -1.80
C ASN B 116 -3.09 12.96 -2.04
N LEU B 117 -3.38 13.38 -3.27
CA LEU B 117 -3.16 14.76 -3.68
C LEU B 117 -3.98 15.75 -2.85
N GLU B 118 -5.28 15.52 -2.75
CA GLU B 118 -6.17 16.52 -2.16
C GLU B 118 -5.94 16.62 -0.66
N LEU B 119 -5.63 15.50 -0.01
CA LEU B 119 -5.39 15.54 1.44
C LEU B 119 -4.08 16.23 1.75
N HIS B 120 -3.09 16.00 0.92
CA HIS B 120 -1.80 16.66 1.08
C HIS B 120 -1.92 18.18 0.90
N ALA B 121 -2.62 18.61 -0.15
CA ALA B 121 -2.81 20.04 -0.41
C ALA B 121 -3.63 20.70 0.67
N THR B 122 -4.70 20.04 1.08
CA THR B 122 -5.59 20.63 2.07
C THR B 122 -4.89 20.68 3.42
N ALA B 123 -4.01 19.72 3.68
CA ALA B 123 -3.23 19.74 4.90
C ALA B 123 -2.38 20.99 4.97
N HIS B 124 -1.84 21.40 3.83
CA HIS B 124 -1.07 22.63 3.77
C HIS B 124 -1.90 23.86 4.15
N ALA B 125 -3.14 23.88 3.68
CA ALA B 125 -4.03 24.99 3.99
C ALA B 125 -4.36 24.97 5.48
N ILE B 126 -4.57 23.79 6.03
CA ILE B 126 -4.92 23.69 7.44
C ILE B 126 -3.73 24.16 8.28
N ASP B 127 -2.54 23.72 7.89
CA ASP B 127 -1.31 24.13 8.56
C ASP B 127 -1.18 25.66 8.60
N HIS B 128 -1.35 26.28 7.44
CA HIS B 128 -1.08 27.70 7.28
C HIS B 128 -2.22 28.56 7.79
N ILE B 129 -3.44 28.24 7.38
CA ILE B 129 -4.61 29.08 7.66
C ILE B 129 -5.20 28.81 9.05
N VAL B 130 -5.34 27.54 9.42
CA VAL B 130 -6.04 27.16 10.64
C VAL B 130 -5.11 27.06 11.84
N LEU B 131 -3.92 26.50 11.63
CA LEU B 131 -3.03 26.12 12.72
C LEU B 131 -1.82 27.06 12.89
N ASN B 132 -1.83 28.19 12.18
CA ASN B 132 -0.81 29.23 12.32
C ASN B 132 0.60 28.71 12.10
N ASP B 133 0.76 27.94 11.02
CA ASP B 133 2.04 27.36 10.63
C ASP B 133 2.63 26.48 11.72
N ILE B 134 1.81 25.56 12.21
CA ILE B 134 2.19 24.66 13.28
C ILE B 134 3.37 23.78 12.87
N SER B 135 3.52 23.60 11.56
CA SER B 135 4.62 22.76 11.05
C SER B 135 5.98 23.41 11.37
N LYS B 136 5.96 24.70 11.68
CA LYS B 136 7.19 25.42 12.03
C LYS B 136 7.25 25.67 13.54
N SER B 137 6.33 25.08 14.29
CA SER B 137 6.31 25.27 15.74
C SER B 137 7.44 24.48 16.39
N ALA B 138 7.79 24.88 17.60
CA ALA B 138 8.88 24.23 18.33
C ALA B 138 8.54 22.76 18.55
N GLN B 139 7.28 22.49 18.90
CA GLN B 139 6.87 21.13 19.20
C GLN B 139 7.01 20.27 17.96
N PHE B 140 6.66 20.80 16.79
CA PHE B 140 6.68 19.94 15.61
C PHE B 140 8.08 19.79 15.05
N LYS B 141 8.92 20.82 15.18
CA LYS B 141 10.28 20.72 14.66
C LYS B 141 11.06 19.59 15.35
N GLN B 142 10.82 19.38 16.65
CA GLN B 142 11.53 18.30 17.35
C GLN B 142 11.06 16.96 16.79
N ILE B 143 9.76 16.84 16.54
CA ILE B 143 9.21 15.61 15.98
C ILE B 143 9.72 15.39 14.58
N PHE B 144 9.68 16.44 13.78
CA PHE B 144 10.19 16.41 12.42
C PHE B 144 11.66 16.03 12.36
N ALA B 145 12.47 16.56 13.28
CA ALA B 145 13.88 16.22 13.30
C ALA B 145 14.08 14.72 13.55
N LYS B 146 13.17 14.15 14.32
CA LYS B 146 13.27 12.75 14.72
C LYS B 146 12.67 11.81 13.68
N GLU B 147 11.49 12.14 13.18
CA GLU B 147 10.70 11.20 12.38
C GLU B 147 10.55 11.58 10.91
N GLY B 148 11.08 12.75 10.54
CA GLY B 148 10.87 13.33 9.23
C GLY B 148 11.42 12.50 8.07
N ARG B 149 12.24 11.51 8.38
CA ARG B 149 12.85 10.65 7.36
C ARG B 149 12.31 9.22 7.43
N SER B 150 11.18 9.04 8.12
CA SER B 150 10.61 7.71 8.33
C SER B 150 9.36 7.45 7.50
N LEU B 151 8.98 8.40 6.65
CA LEU B 151 7.78 8.28 5.83
C LEU B 151 8.08 8.25 4.33
N GLY B 152 9.34 7.92 3.99
CA GLY B 152 9.77 7.86 2.61
C GLY B 152 10.06 9.23 2.04
N ASN B 153 10.46 9.26 0.77
CA ASN B 153 10.79 10.51 0.07
C ASN B 153 11.59 11.45 0.96
N VAL B 154 12.68 10.93 1.51
CA VAL B 154 13.33 11.61 2.63
C VAL B 154 13.99 12.91 2.23
N ASN B 155 14.28 13.08 0.95
CA ASN B 155 14.93 14.29 0.49
C ASN B 155 13.95 15.43 0.23
N PHE B 156 12.66 15.13 0.43
CA PHE B 156 11.60 16.13 0.34
C PHE B 156 10.97 16.25 1.71
N LEU B 157 10.35 15.16 2.15
CA LEU B 157 9.69 15.16 3.45
C LEU B 157 10.66 15.38 4.61
N GLY B 158 11.89 14.90 4.48
CA GLY B 158 12.86 15.03 5.55
C GLY B 158 13.55 16.38 5.60
N VAL B 159 13.26 17.23 4.61
CA VAL B 159 13.94 18.52 4.45
C VAL B 159 13.01 19.70 4.77
N TYR B 160 11.74 19.56 4.39
CA TYR B 160 10.75 20.63 4.59
C TYR B 160 9.72 20.21 5.63
N PRO B 161 9.75 20.85 6.81
CA PRO B 161 8.82 20.40 7.87
C PRO B 161 7.35 20.56 7.46
N GLU B 162 7.04 21.57 6.64
CA GLU B 162 5.67 21.78 6.22
C GLU B 162 5.21 20.64 5.31
N GLU B 163 6.15 20.03 4.60
CA GLU B 163 5.84 18.92 3.70
C GLU B 163 5.66 17.65 4.51
N PHE B 164 6.50 17.44 5.52
CA PHE B 164 6.34 16.28 6.39
C PHE B 164 5.00 16.36 7.12
N PHE B 165 4.64 17.55 7.59
CA PHE B 165 3.34 17.73 8.23
C PHE B 165 2.20 17.39 7.26
N ALA B 166 2.25 17.94 6.06
CA ALA B 166 1.16 17.77 5.11
C ALA B 166 0.97 16.31 4.72
N GLU B 167 2.08 15.60 4.54
CA GLU B 167 2.01 14.20 4.13
C GLU B 167 1.60 13.30 5.31
N SER B 168 2.09 13.60 6.50
CA SER B 168 1.70 12.85 7.68
C SER B 168 0.21 13.01 7.92
N PHE B 169 -0.27 14.25 7.78
CA PHE B 169 -1.69 14.55 7.88
C PHE B 169 -2.50 13.71 6.89
N ALA B 170 -2.00 13.63 5.66
CA ALA B 170 -2.65 12.85 4.62
C ALA B 170 -2.70 11.38 4.98
N TYR B 171 -1.59 10.84 5.46
CA TYR B 171 -1.57 9.45 5.91
C TYR B 171 -2.57 9.20 7.02
N TYR B 172 -2.66 10.16 7.93
CA TYR B 172 -3.50 9.98 9.11
C TYR B 172 -4.97 9.84 8.72
N TYR B 173 -5.40 10.56 7.67
CA TYR B 173 -6.83 10.66 7.35
C TYR B 173 -7.29 9.92 6.10
N LEU B 174 -6.38 9.38 5.31
CA LEU B 174 -6.80 8.76 4.04
C LEU B 174 -7.56 7.46 4.27
N ASN B 175 -6.90 6.47 4.87
CA ASN B 175 -7.56 5.21 5.17
C ASN B 175 -6.85 4.45 6.28
N GLN B 176 -7.39 3.29 6.65
CA GLN B 176 -6.83 2.53 7.77
C GLN B 176 -5.39 2.07 7.48
N ASP B 177 -5.08 1.76 6.23
CA ASP B 177 -3.76 1.28 5.90
C ASP B 177 -2.71 2.37 6.14
N THR B 178 -2.99 3.58 5.63
CA THR B 178 -2.04 4.68 5.76
C THR B 178 -1.95 5.17 7.21
N ASN B 179 -3.09 5.19 7.89
CA ASN B 179 -3.15 5.60 9.29
C ASN B 179 -2.30 4.67 10.14
N SER B 180 -2.48 3.37 9.92
CA SER B 180 -1.74 2.35 10.65
C SER B 180 -0.26 2.39 10.32
N LYS B 181 0.06 2.65 9.06
CA LYS B 181 1.45 2.76 8.63
C LYS B 181 2.13 3.95 9.29
N LEU B 182 1.42 5.07 9.37
CA LEU B 182 1.96 6.27 10.02
C LEU B 182 2.24 5.99 11.50
N LYS B 183 1.31 5.32 12.17
CA LYS B 183 1.46 5.04 13.59
C LYS B 183 2.72 4.22 13.87
N SER B 184 2.96 3.20 13.05
N SER B 184 2.95 3.21 13.05
CA SER B 184 4.12 2.35 13.23
CA SER B 184 4.12 2.33 13.23
C SER B 184 5.42 3.09 12.91
C SER B 184 5.41 3.06 12.90
N ALA B 185 5.40 3.85 11.82
CA ALA B 185 6.62 4.51 11.33
C ALA B 185 6.96 5.79 12.08
N CYS B 186 5.93 6.57 12.42
CA CYS B 186 6.11 7.89 13.00
C CYS B 186 5.21 8.06 14.21
N PRO B 187 5.54 7.34 15.30
CA PRO B 187 4.67 7.32 16.48
C PRO B 187 4.44 8.69 17.13
N GLN B 188 5.46 9.54 17.21
CA GLN B 188 5.31 10.84 17.84
C GLN B 188 4.46 11.77 16.96
N THR B 189 4.63 11.66 15.66
CA THR B 189 3.82 12.44 14.72
C THR B 189 2.36 12.01 14.82
N TYR B 190 2.13 10.70 14.89
CA TYR B 190 0.78 10.16 15.02
C TYR B 190 0.11 10.66 16.30
N SER B 191 0.80 10.57 17.42
CA SER B 191 0.25 11.05 18.67
C SER B 191 -0.03 12.55 18.61
N PHE B 192 0.87 13.29 17.97
CA PHE B 192 0.72 14.74 17.80
C PHE B 192 -0.55 15.10 17.02
N LEU B 193 -0.79 14.40 15.92
CA LEU B 193 -1.98 14.62 15.12
C LEU B 193 -3.24 14.18 15.86
N GLN B 194 -3.14 13.04 16.54
CA GLN B 194 -4.25 12.52 17.33
C GLN B 194 -4.70 13.54 18.36
N ASN B 195 -3.73 14.11 19.06
CA ASN B 195 -4.03 15.08 20.11
C ASN B 195 -4.54 16.40 19.56
N LEU B 196 -4.06 16.76 18.37
CA LEU B 196 -4.43 18.02 17.74
C LEU B 196 -5.92 18.06 17.48
N ALA B 197 -6.49 16.89 17.17
CA ALA B 197 -7.87 16.81 16.75
C ALA B 197 -8.83 16.67 17.93
N LYS B 198 -8.30 16.59 19.13
CA LYS B 198 -9.13 16.43 20.31
C LYS B 198 -9.87 17.72 20.65
C ACE C 1 -5.35 -28.73 6.19
O ACE C 1 -5.15 -29.96 6.02
CH3 ACE C 1 -6.56 -28.05 5.65
N GLU C 2 -4.44 -27.93 6.73
CA GLU C 2 -4.60 -26.48 6.81
C GLU C 2 -4.68 -25.76 5.45
N VAL C 3 -5.47 -24.69 5.40
CA VAL C 3 -5.68 -23.91 4.20
C VAL C 3 -5.63 -22.44 4.53
N ASN C 4 -5.03 -21.68 3.61
CA ASN C 4 -4.92 -20.24 3.73
C ASN C 4 -5.05 -19.55 2.38
N PRO C 5 -5.81 -18.46 2.31
CA PRO C 5 -6.02 -17.75 1.05
C PRO C 5 -4.98 -16.68 0.77
N PRO C 6 -4.97 -16.13 -0.44
CA PRO C 6 -4.14 -14.95 -0.71
C PRO C 6 -4.74 -13.71 -0.06
N VAL C 7 -4.04 -12.59 -0.18
CA VAL C 7 -4.54 -11.30 0.29
C VAL C 7 -5.82 -10.94 -0.49
N PRO C 8 -6.93 -10.63 0.21
CA PRO C 8 -8.10 -10.20 -0.56
C PRO C 8 -7.86 -8.88 -1.27
N NH2 C 9 -8.39 -8.74 -2.48
HN1 NH2 C 9 -8.27 -7.87 -3.00
HN2 NH2 C 9 -8.93 -9.51 -2.89
C ACE D 1 1.11 32.86 -0.63
O ACE D 1 1.61 32.64 -1.75
CH3 ACE D 1 0.20 34.02 -0.38
N GLU D 2 1.18 31.97 0.36
CA GLU D 2 2.04 30.79 0.31
C GLU D 2 1.47 29.70 -0.56
N VAL D 3 2.34 29.05 -1.34
CA VAL D 3 1.95 27.91 -2.16
C VAL D 3 2.96 26.81 -1.94
N ASN D 4 2.46 25.58 -1.87
CA ASN D 4 3.30 24.41 -1.66
C ASN D 4 2.87 23.30 -2.61
N PRO D 5 3.84 22.58 -3.19
CA PRO D 5 3.51 21.51 -4.12
C PRO D 5 3.30 20.18 -3.41
N PRO D 6 2.85 19.14 -4.14
CA PRO D 6 2.81 17.79 -3.59
C PRO D 6 4.20 17.19 -3.55
N VAL D 7 4.33 15.97 -3.05
CA VAL D 7 5.59 15.25 -3.09
C VAL D 7 5.99 14.97 -4.53
N PRO D 8 7.26 15.22 -4.90
CA PRO D 8 7.70 14.84 -6.25
C PRO D 8 7.61 13.34 -6.42
N NH2 D 9 6.94 12.88 -7.47
HN1 NH2 D 9 6.52 13.54 -8.13
HN2 NH2 D 9 6.86 11.88 -7.63
ZN ZN E . -2.41 -16.31 2.69
ZN ZN F . 3.38 19.79 -0.17
#